data_6BDC
#
_entry.id   6BDC
#
_cell.length_a   79.021
_cell.length_b   79.021
_cell.length_c   82.913
_cell.angle_alpha   90.00
_cell.angle_beta   90.00
_cell.angle_gamma   120.00
#
_symmetry.space_group_name_H-M   'P 6 2 2'
#
_entity_poly.entity_id   1
_entity_poly.type   'polypeptide(L)'
_entity_poly.pdbx_seq_one_letter_code
;(MSE)SFLTSLTVAGKDYKVLNVSYDLAQETDASGRPSTVTRGGRI(MSE)IEVESTGSTELFEW(MSE)TNNFERKDGS
VKFIKRDSNATLKELKFTEAY(MSE)VKYKENFDHNSENPLTETF(MSE)ISARKIS(MSE)GGGEFDNAWVLEHHHHHH
;
_entity_poly.pdbx_strand_id   A
#
# COMPACT_ATOMS: atom_id res chain seq x y z
N PHE A 3 1.00 -9.88 -14.80
CA PHE A 3 1.45 -8.65 -14.16
C PHE A 3 2.19 -8.96 -12.87
N LEU A 4 3.15 -8.11 -12.53
CA LEU A 4 3.90 -8.29 -11.29
C LEU A 4 4.27 -6.92 -10.75
N THR A 5 4.20 -6.77 -9.43
CA THR A 5 4.43 -5.49 -8.78
C THR A 5 5.39 -5.66 -7.62
N SER A 6 5.81 -4.53 -7.06
CA SER A 6 6.76 -4.50 -5.96
C SER A 6 6.47 -3.31 -5.08
N LEU A 7 6.86 -3.44 -3.81
CA LEU A 7 6.82 -2.34 -2.86
C LEU A 7 8.25 -1.92 -2.53
N THR A 8 8.44 -0.61 -2.39
CA THR A 8 9.75 -0.03 -2.09
C THR A 8 9.63 0.88 -0.89
N VAL A 9 10.30 0.51 0.20
CA VAL A 9 10.35 1.33 1.41
C VAL A 9 11.74 1.20 2.02
N ALA A 10 12.33 2.34 2.38
CA ALA A 10 13.62 2.39 3.08
C ALA A 10 14.70 1.64 2.30
N GLY A 11 14.65 1.75 0.97
CA GLY A 11 15.58 1.03 0.14
C GLY A 11 15.38 -0.48 0.13
N LYS A 12 14.30 -0.97 0.73
CA LYS A 12 14.00 -2.40 0.74
C LYS A 12 12.83 -2.68 -0.18
N ASP A 13 12.96 -3.73 -0.99
CA ASP A 13 11.94 -4.13 -1.94
C ASP A 13 11.23 -5.38 -1.45
N TYR A 14 9.91 -5.37 -1.55
CA TYR A 14 9.08 -6.49 -1.10
C TYR A 14 8.25 -7.01 -2.27
N LYS A 15 8.33 -8.32 -2.50
CA LYS A 15 7.40 -8.95 -3.43
C LYS A 15 5.99 -8.79 -2.90
N VAL A 16 5.12 -8.19 -3.70
CA VAL A 16 3.78 -7.85 -3.28
C VAL A 16 2.79 -8.81 -3.92
N LEU A 17 1.99 -9.47 -3.08
CA LEU A 17 0.95 -10.35 -3.59
C LEU A 17 -0.31 -9.56 -3.93
N ASN A 18 -0.81 -8.75 -3.00
CA ASN A 18 -2.02 -7.97 -3.21
C ASN A 18 -1.80 -6.52 -2.81
N VAL A 19 -2.35 -5.60 -3.60
CA VAL A 19 -2.42 -4.19 -3.22
C VAL A 19 -3.82 -3.68 -3.51
N SER A 20 -4.20 -2.62 -2.79
CA SER A 20 -5.42 -1.88 -3.08
C SER A 20 -5.34 -0.53 -2.40
N TYR A 21 -6.00 0.46 -3.02
CA TYR A 21 -6.11 1.80 -2.47
C TYR A 21 -7.38 2.40 -3.04
N ASP A 22 -8.18 3.03 -2.18
CA ASP A 22 -9.49 3.47 -2.62
C ASP A 22 -9.77 4.86 -2.06
N LEU A 23 -10.57 5.61 -2.81
CA LEU A 23 -11.03 6.94 -2.40
C LEU A 23 -12.53 7.02 -2.63
N ALA A 24 -13.19 7.83 -1.81
CA ALA A 24 -14.63 7.90 -1.87
C ALA A 24 -15.13 9.22 -1.29
N GLN A 25 -16.20 9.73 -1.88
CA GLN A 25 -16.97 10.83 -1.32
C GLN A 25 -18.42 10.40 -1.22
N GLU A 26 -19.10 10.85 -0.16
CA GLU A 26 -20.48 10.46 0.07
C GLU A 26 -21.42 11.28 -0.81
N THR A 27 -22.56 10.69 -1.16
CA THR A 27 -23.59 11.38 -1.92
C THR A 27 -24.83 11.55 -1.07
N ASP A 28 -25.59 12.58 -1.37
CA ASP A 28 -26.80 12.89 -0.66
C ASP A 28 -27.96 12.55 -1.56
N ALA A 29 -28.91 11.82 -1.02
CA ALA A 29 -30.06 11.41 -1.80
C ALA A 29 -29.50 10.64 -2.97
N SER A 30 -29.93 10.95 -4.18
CA SER A 30 -29.36 10.29 -5.34
C SER A 30 -28.42 11.28 -5.97
N GLY A 31 -27.19 10.82 -6.27
CA GLY A 31 -26.13 11.69 -6.72
C GLY A 31 -25.95 12.66 -5.59
N ARG A 32 -25.96 13.95 -5.86
CA ARG A 32 -25.97 14.90 -4.77
C ARG A 32 -24.78 14.64 -3.87
N PRO A 33 -23.59 14.70 -4.43
CA PRO A 33 -22.42 14.31 -3.68
C PRO A 33 -22.40 15.14 -2.43
N SER A 34 -22.23 14.48 -1.30
CA SER A 34 -22.12 15.16 -0.01
C SER A 34 -20.87 15.98 -0.05
N THR A 35 -19.85 15.41 -0.66
CA THR A 35 -18.57 16.06 -0.83
C THR A 35 -17.75 15.87 0.44
N VAL A 36 -16.49 16.24 0.36
CA VAL A 36 -15.53 15.87 1.36
C VAL A 36 -15.08 14.56 0.76
N THR A 37 -13.85 14.17 1.00
CA THR A 37 -13.33 13.00 0.36
C THR A 37 -12.40 12.29 1.31
N ARG A 38 -12.25 11.00 1.14
CA ARG A 38 -11.33 10.23 1.94
C ARG A 38 -10.37 9.58 1.00
N GLY A 39 -9.10 9.61 1.32
CA GLY A 39 -8.11 8.97 0.51
C GLY A 39 -6.86 8.73 1.29
N GLY A 40 -5.97 7.94 0.74
CA GLY A 40 -4.63 7.84 1.28
C GLY A 40 -4.33 6.54 1.99
N ARG A 41 -5.35 5.70 2.22
CA ARG A 41 -5.15 4.40 2.85
C ARG A 41 -4.80 3.36 1.79
N ILE A 42 -3.75 2.60 2.04
CA ILE A 42 -3.25 1.60 1.10
C ILE A 42 -3.09 0.27 1.84
N MSE A 43 -3.59 -0.81 1.24
CA MSE A 43 -3.51 -2.14 1.82
C MSE A 43 -2.60 -3.04 0.99
O MSE A 43 -2.78 -3.14 -0.23
CB MSE A 43 -4.89 -2.77 1.94
CG MSE A 43 -6.03 -1.83 1.55
SE MSE A 43 -6.66 -0.69 3.00
CE MSE A 43 -8.34 -1.63 3.40
N ILE A 44 -1.62 -3.68 1.63
CA ILE A 44 -0.61 -4.46 0.93
C ILE A 44 -0.48 -5.82 1.61
N GLU A 45 -0.16 -6.85 0.80
CA GLU A 45 0.17 -8.18 1.31
C GLU A 45 1.51 -8.60 0.72
N VAL A 46 2.41 -9.07 1.58
CA VAL A 46 3.81 -9.27 1.22
C VAL A 46 4.26 -10.66 1.64
N GLU A 47 5.14 -11.24 0.82
CA GLU A 47 5.85 -12.45 1.25
C GLU A 47 6.83 -12.09 2.35
N SER A 48 6.76 -12.83 3.47
CA SER A 48 7.33 -12.34 4.72
C SER A 48 8.86 -12.36 4.72
N THR A 49 9.47 -13.28 3.96
CA THR A 49 10.91 -13.48 3.95
C THR A 49 11.44 -13.73 5.36
N GLY A 50 12.75 -13.59 5.55
CA GLY A 50 13.32 -13.55 6.88
C GLY A 50 13.43 -12.17 7.47
N SER A 51 13.14 -11.14 6.67
CA SER A 51 13.23 -9.77 7.16
C SER A 51 12.17 -9.51 8.22
N THR A 52 12.48 -8.61 9.15
CA THR A 52 11.58 -8.24 10.22
C THR A 52 11.16 -6.77 10.14
N GLU A 53 11.57 -6.07 9.08
CA GLU A 53 11.52 -4.61 9.06
C GLU A 53 10.10 -4.07 9.17
N LEU A 54 9.13 -4.71 8.52
CA LEU A 54 7.77 -4.21 8.54
C LEU A 54 7.16 -4.31 9.93
N PHE A 55 7.53 -5.35 10.68
CA PHE A 55 7.03 -5.48 12.06
C PHE A 55 7.53 -4.34 12.93
N GLU A 56 8.79 -3.92 12.74
CA GLU A 56 9.36 -2.87 13.56
C GLU A 56 8.69 -1.53 13.29
N TRP A 57 8.35 -1.28 12.03
CA TRP A 57 7.62 -0.04 11.69
C TRP A 57 6.30 0.02 12.43
N MSE A 58 5.59 -1.09 12.53
CA MSE A 58 4.35 -1.13 13.28
C MSE A 58 4.58 -0.85 14.75
O MSE A 58 3.79 -0.15 15.39
CB MSE A 58 3.64 -2.48 13.10
CG MSE A 58 2.34 -2.59 13.88
SE MSE A 58 0.89 -1.54 13.08
CE MSE A 58 0.38 -0.51 14.67
N THR A 59 5.65 -1.42 15.26
CA THR A 59 6.10 -1.18 16.61
C THR A 59 6.46 0.26 16.82
N ASN A 60 7.17 0.83 15.85
CA ASN A 60 7.63 2.21 15.96
C ASN A 60 6.50 3.19 16.07
N ASN A 61 5.43 2.94 15.32
CA ASN A 61 4.21 3.71 15.48
C ASN A 61 4.24 5.01 14.71
N PHE A 62 4.69 6.05 15.37
CA PHE A 62 4.60 7.40 14.85
C PHE A 62 5.49 7.61 13.64
N GLU A 63 6.39 6.68 13.38
CA GLU A 63 7.27 6.88 12.24
C GLU A 63 6.49 6.95 10.95
N ARG A 64 6.74 8.00 10.18
CA ARG A 64 6.17 8.15 8.85
C ARG A 64 7.27 7.94 7.82
N LYS A 65 6.90 7.33 6.69
CA LYS A 65 7.85 7.03 5.63
C LYS A 65 7.27 7.45 4.29
N ASP A 66 8.13 7.40 3.27
CA ASP A 66 7.71 7.51 1.89
C ASP A 66 7.99 6.18 1.19
N GLY A 67 7.38 6.01 0.02
CA GLY A 67 7.61 4.81 -0.75
C GLY A 67 6.76 4.80 -2.00
N SER A 68 6.94 3.75 -2.79
CA SER A 68 6.24 3.61 -4.06
C SER A 68 5.82 2.17 -4.28
N VAL A 69 4.66 2.00 -4.91
CA VAL A 69 4.20 0.72 -5.41
C VAL A 69 4.31 0.76 -6.94
N LYS A 70 5.12 -0.14 -7.50
CA LYS A 70 5.42 -0.13 -8.92
C LYS A 70 4.83 -1.38 -9.56
N PHE A 71 3.93 -1.18 -10.52
CA PHE A 71 3.35 -2.27 -11.29
C PHE A 71 4.15 -2.45 -12.56
N ILE A 72 4.72 -3.63 -12.75
CA ILE A 72 5.52 -3.96 -13.92
C ILE A 72 4.69 -4.85 -14.84
N LYS A 73 4.71 -4.55 -16.14
CA LYS A 73 4.04 -5.40 -17.11
C LYS A 73 4.60 -6.81 -17.02
N ARG A 74 3.73 -7.81 -17.16
CA ARG A 74 4.11 -9.20 -16.98
C ARG A 74 5.34 -9.57 -17.79
N ASP A 75 5.24 -9.43 -19.11
CA ASP A 75 6.36 -9.71 -19.99
C ASP A 75 7.55 -8.76 -19.83
N SER A 76 7.28 -7.48 -19.68
CA SER A 76 8.30 -6.47 -19.87
C SER A 76 8.74 -5.73 -18.62
N ASN A 77 10.03 -5.44 -18.56
CA ASN A 77 10.62 -4.91 -17.36
C ASN A 77 10.03 -3.58 -16.96
N ALA A 78 9.65 -2.77 -17.93
CA ALA A 78 9.46 -1.36 -17.68
C ALA A 78 8.13 -0.85 -17.10
N THR A 79 7.91 -1.06 -15.82
CA THR A 79 7.29 -0.06 -14.98
C THR A 79 6.04 0.59 -15.56
N LEU A 80 4.99 -0.19 -15.80
CA LEU A 80 3.81 0.39 -16.44
C LEU A 80 3.27 1.53 -15.61
N LYS A 81 3.18 1.37 -14.30
CA LYS A 81 2.72 2.46 -13.46
C LYS A 81 3.28 2.36 -12.07
N GLU A 82 3.44 3.50 -11.41
CA GLU A 82 3.98 3.50 -10.07
C GLU A 82 3.16 4.37 -9.17
N LEU A 83 2.82 3.86 -7.99
CA LEU A 83 2.06 4.65 -7.05
C LEU A 83 2.98 5.10 -5.98
N LYS A 84 3.04 6.40 -5.76
CA LYS A 84 3.95 6.95 -4.76
C LYS A 84 3.15 7.53 -3.61
N PHE A 85 3.58 7.25 -2.38
CA PHE A 85 2.98 7.79 -1.19
C PHE A 85 4.04 8.49 -0.36
N THR A 86 3.65 9.57 0.31
CA THR A 86 4.55 10.36 1.13
C THR A 86 3.98 10.50 2.53
N GLU A 87 4.85 10.34 3.53
CA GLU A 87 4.51 10.57 4.94
C GLU A 87 3.38 9.65 5.40
N ALA A 88 3.56 8.35 5.21
CA ALA A 88 2.56 7.35 5.57
C ALA A 88 2.88 6.73 6.92
N TYR A 89 1.84 6.54 7.73
CA TYR A 89 1.99 6.00 9.07
C TYR A 89 1.44 4.58 9.13
N MSE A 90 2.16 3.68 9.80
CA MSE A 90 1.70 2.32 10.02
C MSE A 90 0.49 2.31 10.95
O MSE A 90 0.57 2.79 12.08
CB MSE A 90 2.82 1.45 10.59
CG MSE A 90 3.43 0.47 9.60
SE MSE A 90 2.32 -1.11 9.30
CE MSE A 90 3.65 -2.23 8.43
N VAL A 91 -0.63 1.77 10.47
CA VAL A 91 -1.90 1.81 11.17
C VAL A 91 -2.35 0.43 11.64
N LYS A 92 -2.24 -0.57 10.76
CA LYS A 92 -2.58 -1.94 11.11
C LYS A 92 -1.55 -2.87 10.50
N TYR A 93 -1.34 -4.01 11.16
CA TYR A 93 -0.35 -4.99 10.72
C TYR A 93 -0.79 -6.36 11.19
N LYS A 94 -0.55 -7.37 10.35
CA LYS A 94 -0.86 -8.75 10.71
C LYS A 94 0.03 -9.68 9.89
N GLU A 95 0.84 -10.47 10.59
CA GLU A 95 1.62 -11.54 9.97
C GLU A 95 0.88 -12.84 10.22
N ASN A 96 0.63 -13.58 9.14
CA ASN A 96 -0.23 -14.75 9.20
C ASN A 96 0.46 -15.90 8.49
N PHE A 97 0.51 -17.05 9.14
CA PHE A 97 1.01 -18.28 8.52
C PHE A 97 -0.15 -19.24 8.35
N ASP A 98 -0.31 -19.73 7.12
CA ASP A 98 -1.33 -20.73 6.79
C ASP A 98 -0.66 -21.83 5.97
N HIS A 99 -0.60 -23.04 6.53
CA HIS A 99 0.04 -24.14 5.83
C HIS A 99 -0.77 -24.65 4.65
N ASN A 100 -2.01 -24.19 4.60
CA ASN A 100 -3.00 -24.74 3.71
C ASN A 100 -2.68 -24.57 2.26
N SER A 101 -2.14 -23.42 1.89
CA SER A 101 -1.82 -23.25 0.48
C SER A 101 -0.81 -22.18 0.13
N GLU A 102 -0.21 -22.35 -1.06
CA GLU A 102 0.44 -21.28 -1.78
C GLU A 102 1.50 -20.59 -0.95
N ASN A 103 1.46 -19.27 -0.87
CA ASN A 103 2.45 -18.55 -0.12
C ASN A 103 2.05 -18.56 1.32
N PRO A 104 2.63 -19.59 2.07
CA PRO A 104 2.09 -19.69 3.43
C PRO A 104 2.36 -18.50 4.30
N LEU A 105 3.54 -17.93 4.25
CA LEU A 105 3.83 -16.90 5.23
C LEU A 105 3.74 -15.53 4.62
N THR A 106 2.75 -14.75 5.04
CA THR A 106 2.54 -13.45 4.42
C THR A 106 2.35 -12.38 5.49
N GLU A 107 2.62 -11.14 5.10
CA GLU A 107 2.38 -9.97 5.93
C GLU A 107 1.31 -9.11 5.26
N THR A 108 0.29 -8.74 6.02
CA THR A 108 -0.81 -7.91 5.52
C THR A 108 -0.96 -6.70 6.42
N PHE A 109 -0.80 -5.50 5.84
CA PHE A 109 -0.77 -4.29 6.64
C PHE A 109 -1.44 -3.16 5.88
N MSE A 110 -1.80 -2.11 6.61
CA MSE A 110 -2.40 -0.92 6.02
C MSE A 110 -1.72 0.34 6.54
O MSE A 110 -1.57 0.55 7.74
CB MSE A 110 -3.90 -0.90 6.30
CG MSE A 110 -4.48 0.48 6.63
SE MSE A 110 -6.42 0.52 6.39
CE MSE A 110 -6.91 1.68 7.89
N ILE A 111 -1.28 1.19 5.59
CA ILE A 111 -0.63 2.45 5.91
C ILE A 111 -1.55 3.59 5.52
N SER A 112 -1.41 4.71 6.22
CA SER A 112 -2.22 5.89 5.99
C SER A 112 -1.29 7.03 5.57
N ALA A 113 -1.32 7.40 4.30
CA ALA A 113 -0.38 8.37 3.75
C ALA A 113 -0.96 9.78 3.80
N ARG A 114 -0.08 10.76 4.02
CA ARG A 114 -0.48 12.16 3.89
C ARG A 114 -0.93 12.46 2.45
N LYS A 115 -0.20 11.94 1.48
CA LYS A 115 -0.54 12.15 0.08
C LYS A 115 -0.17 10.92 -0.75
N ILE A 116 -1.01 10.62 -1.72
CA ILE A 116 -0.70 9.66 -2.78
C ILE A 116 -0.74 10.40 -4.11
N SER A 117 0.02 9.90 -5.07
CA SER A 117 0.09 10.53 -6.38
C SER A 117 0.40 9.48 -7.43
N MSE A 118 -0.10 9.71 -8.64
CA MSE A 118 0.08 8.77 -9.74
C MSE A 118 -0.33 9.38 -11.09
O MSE A 118 -1.46 9.85 -11.24
CB MSE A 118 -0.73 7.50 -9.46
CG MSE A 118 -0.51 6.36 -10.45
SE MSE A 118 -1.12 4.68 -9.71
CE MSE A 118 -1.30 3.63 -11.33
N GLY A 119 0.61 9.39 -12.03
CA GLY A 119 0.38 9.93 -13.36
C GLY A 119 -0.12 11.35 -13.37
N GLY A 120 0.40 12.20 -12.49
CA GLY A 120 -0.06 13.57 -12.41
C GLY A 120 -1.31 13.77 -11.61
N GLY A 121 -1.94 12.69 -11.17
CA GLY A 121 -3.06 12.78 -10.27
C GLY A 121 -2.60 12.86 -8.82
N GLU A 122 -3.30 13.66 -8.02
CA GLU A 122 -2.90 13.89 -6.64
C GLU A 122 -4.08 13.88 -5.69
N PHE A 123 -3.88 13.28 -4.52
CA PHE A 123 -4.79 13.44 -3.40
C PHE A 123 -3.98 13.68 -2.14
N ASP A 124 -4.16 14.85 -1.53
CA ASP A 124 -3.50 15.21 -0.30
C ASP A 124 -4.57 15.43 0.78
N ASN A 125 -4.20 15.12 2.02
CA ASN A 125 -5.13 15.31 3.13
C ASN A 125 -4.99 16.69 3.75
#